data_1ZAX
#
_entry.id   1ZAX
#
_cell.length_a   45.008
_cell.length_b   50.451
_cell.length_c   179.084
_cell.angle_alpha   90.00
_cell.angle_beta   90.00
_cell.angle_gamma   90.00
#
_symmetry.space_group_name_H-M   'P 21 21 21'
#
loop_
_entity.id
_entity.type
_entity.pdbx_description
1 polymer '50S ribosomal protein L10'
2 polymer '50S ribosomal protein L7/L12'
3 water water
#
loop_
_entity_poly.entity_id
_entity_poly.type
_entity_poly.pdbx_seq_one_letter_code
_entity_poly.pdbx_strand_id
1 'polypeptide(L)'
;VMLTRQQKELIVKEMSEIFKKTSLILFADFLGFTVADLTELRSRLREKYGDGARFRVVKNTLLNLALKNAEYEGYEEFLK
GPTAVLYVTEGDPVEAVKIIYNFYKDKKADLSRLKGGFLEGKKFTAEEVENIAKLPSKEELYAMLVGRVKAPITGLVFAL
SGILRNLVYVLNAIKEKKSE
;
A
2 'polypeptide(L)' MTIDEIIEAIEKLTVSELAELVKKLEDKFG U,V,W,X,Y,Z
#
# COMPACT_ATOMS: atom_id res chain seq x y z
N ARG A 5 9.86 -26.47 -44.47
CA ARG A 5 8.38 -26.40 -44.47
C ARG A 5 7.96 -24.97 -44.75
N GLN A 6 8.89 -24.05 -44.50
CA GLN A 6 8.71 -22.62 -44.72
C GLN A 6 7.54 -21.95 -44.06
N GLN A 7 6.64 -22.73 -43.48
CA GLN A 7 5.50 -22.16 -42.77
C GLN A 7 6.14 -21.62 -41.50
N LYS A 8 7.40 -22.02 -41.28
CA LYS A 8 8.17 -21.60 -40.12
C LYS A 8 8.31 -20.09 -40.15
N GLU A 9 8.75 -19.56 -41.29
CA GLU A 9 8.93 -18.12 -41.43
C GLU A 9 7.66 -17.40 -41.01
N LEU A 10 6.52 -18.00 -41.30
CA LEU A 10 5.24 -17.41 -40.92
C LEU A 10 5.15 -17.32 -39.41
N ILE A 11 5.54 -18.39 -38.72
CA ILE A 11 5.49 -18.39 -37.27
C ILE A 11 6.62 -17.55 -36.67
N VAL A 12 7.80 -17.58 -37.29
CA VAL A 12 8.93 -16.80 -36.80
C VAL A 12 8.63 -15.31 -36.91
N LYS A 13 8.03 -14.92 -38.02
CA LYS A 13 7.68 -13.51 -38.23
C LYS A 13 6.52 -13.18 -37.30
N GLU A 14 5.62 -14.14 -37.13
CA GLU A 14 4.44 -13.98 -36.29
C GLU A 14 4.90 -13.85 -34.83
N MET A 15 5.73 -14.80 -34.41
CA MET A 15 6.29 -14.86 -33.07
C MET A 15 7.15 -13.64 -32.74
N SER A 16 7.98 -13.24 -33.71
CA SER A 16 8.87 -12.10 -33.53
C SER A 16 8.13 -10.82 -33.19
N GLU A 17 7.09 -10.52 -33.96
CA GLU A 17 6.30 -9.31 -33.72
C GLU A 17 5.55 -9.41 -32.40
N ILE A 18 5.23 -10.62 -31.97
CA ILE A 18 4.54 -10.79 -30.70
C ILE A 18 5.49 -10.46 -29.55
N PHE A 19 6.70 -11.01 -29.61
CA PHE A 19 7.70 -10.76 -28.57
C PHE A 19 8.15 -9.30 -28.46
N LYS A 20 7.79 -8.48 -29.44
CA LYS A 20 8.17 -7.08 -29.42
C LYS A 20 7.21 -6.26 -28.58
N LYS A 21 6.02 -6.78 -28.33
CA LYS A 21 5.05 -6.06 -27.54
C LYS A 21 4.56 -6.81 -26.30
N THR A 22 5.22 -7.90 -25.94
CA THR A 22 4.81 -8.65 -24.77
C THR A 22 5.27 -7.97 -23.47
N SER A 23 4.46 -8.09 -22.42
CA SER A 23 4.81 -7.52 -21.13
C SER A 23 5.31 -8.67 -20.25
N LEU A 24 5.19 -9.87 -20.79
CA LEU A 24 5.62 -11.08 -20.11
C LEU A 24 5.93 -12.23 -21.03
N ILE A 25 7.07 -12.87 -20.79
CA ILE A 25 7.47 -14.05 -21.53
C ILE A 25 8.04 -15.01 -20.48
N LEU A 26 7.47 -16.20 -20.39
CA LEU A 26 7.94 -17.17 -19.41
C LEU A 26 8.13 -18.53 -20.05
N PHE A 27 9.30 -19.13 -19.82
CA PHE A 27 9.63 -20.42 -20.39
C PHE A 27 9.33 -21.53 -19.41
N ALA A 28 8.52 -22.49 -19.87
CA ALA A 28 8.12 -23.60 -19.04
C ALA A 28 8.35 -24.92 -19.73
N ASP A 29 8.72 -25.91 -18.92
CA ASP A 29 8.95 -27.25 -19.39
C ASP A 29 7.62 -27.96 -19.15
N PHE A 30 6.89 -28.20 -20.24
CA PHE A 30 5.57 -28.82 -20.17
C PHE A 30 5.60 -30.32 -20.54
N LEU A 31 6.79 -30.85 -20.77
CA LEU A 31 6.96 -32.25 -21.14
C LEU A 31 6.29 -33.16 -20.12
N GLY A 32 5.52 -34.12 -20.60
CA GLY A 32 4.84 -35.03 -19.70
C GLY A 32 3.41 -34.61 -19.40
N PHE A 33 3.10 -33.33 -19.58
CA PHE A 33 1.75 -32.84 -19.33
C PHE A 33 0.85 -33.35 -20.47
N THR A 34 -0.42 -33.62 -20.14
CA THR A 34 -1.35 -34.14 -21.14
C THR A 34 -2.10 -33.11 -21.98
N VAL A 35 -2.82 -33.62 -22.98
CA VAL A 35 -3.62 -32.77 -23.86
C VAL A 35 -4.67 -32.11 -22.98
N ALA A 36 -5.27 -32.88 -22.08
CA ALA A 36 -6.28 -32.33 -21.19
C ALA A 36 -5.64 -31.24 -20.32
N ASP A 37 -4.38 -31.45 -19.91
CA ASP A 37 -3.66 -30.48 -19.08
C ASP A 37 -3.50 -29.16 -19.82
N LEU A 38 -3.10 -29.25 -21.09
CA LEU A 38 -2.92 -28.07 -21.91
C LEU A 38 -4.20 -27.27 -22.04
N THR A 39 -5.27 -27.95 -22.44
CA THR A 39 -6.58 -27.31 -22.58
C THR A 39 -6.97 -26.61 -21.29
N GLU A 40 -6.74 -27.29 -20.16
CA GLU A 40 -7.05 -26.75 -18.85
C GLU A 40 -6.28 -25.47 -18.53
N LEU A 41 -4.96 -25.47 -18.74
CA LEU A 41 -4.17 -24.28 -18.46
C LEU A 41 -4.62 -23.12 -19.35
N ARG A 42 -4.81 -23.40 -20.63
CA ARG A 42 -5.25 -22.36 -21.55
C ARG A 42 -6.61 -21.82 -21.13
N SER A 43 -7.46 -22.68 -20.58
CA SER A 43 -8.78 -22.24 -20.13
C SER A 43 -8.66 -21.29 -18.94
N ARG A 44 -7.79 -21.62 -18.00
CA ARG A 44 -7.61 -20.75 -16.83
C ARG A 44 -7.09 -19.38 -17.27
N LEU A 45 -6.13 -19.40 -18.20
CA LEU A 45 -5.56 -18.16 -18.72
C LEU A 45 -6.61 -17.28 -19.40
N ARG A 46 -7.46 -17.87 -20.24
CA ARG A 46 -8.48 -17.08 -20.95
C ARG A 46 -9.51 -16.49 -20.00
N GLU A 47 -9.82 -17.24 -18.95
CA GLU A 47 -10.77 -16.82 -17.94
C GLU A 47 -10.37 -15.44 -17.39
N LYS A 48 -9.08 -15.14 -17.41
CA LYS A 48 -8.60 -13.85 -16.92
C LYS A 48 -8.14 -12.88 -18.01
N TYR A 49 -7.62 -13.41 -19.11
CA TYR A 49 -7.08 -12.58 -20.19
C TYR A 49 -7.84 -12.50 -21.52
N GLY A 50 -8.80 -13.38 -21.77
CA GLY A 50 -9.45 -13.36 -23.06
C GLY A 50 -8.34 -13.71 -24.05
N ASP A 51 -8.19 -12.92 -25.12
CA ASP A 51 -7.14 -13.15 -26.12
C ASP A 51 -5.80 -12.56 -25.67
N GLY A 52 -5.78 -11.87 -24.53
CA GLY A 52 -4.58 -11.20 -24.06
C GLY A 52 -3.34 -11.96 -23.61
N ALA A 53 -3.45 -13.27 -23.44
CA ALA A 53 -2.32 -14.09 -22.99
C ALA A 53 -2.40 -15.45 -23.65
N ARG A 54 -1.25 -16.08 -23.87
CA ARG A 54 -1.24 -17.39 -24.51
C ARG A 54 -0.19 -18.33 -23.96
N PHE A 55 -0.47 -19.63 -24.07
CA PHE A 55 0.49 -20.63 -23.67
C PHE A 55 0.64 -21.52 -24.91
N ARG A 56 1.76 -21.36 -25.61
CA ARG A 56 1.97 -22.14 -26.84
C ARG A 56 3.22 -23.00 -26.86
N VAL A 57 3.15 -24.06 -27.64
CA VAL A 57 4.27 -24.98 -27.80
C VAL A 57 4.88 -24.64 -29.15
N VAL A 58 6.17 -24.28 -29.16
CA VAL A 58 6.85 -23.90 -30.39
C VAL A 58 8.28 -24.43 -30.38
N LYS A 59 8.69 -25.07 -31.48
CA LYS A 59 10.04 -25.61 -31.59
C LYS A 59 11.08 -24.60 -31.12
N ASN A 60 12.00 -25.07 -30.29
CA ASN A 60 13.05 -24.22 -29.75
C ASN A 60 13.71 -23.38 -30.85
N THR A 61 13.97 -24.01 -31.99
CA THR A 61 14.61 -23.34 -33.12
C THR A 61 13.87 -22.07 -33.51
N LEU A 62 12.57 -22.19 -33.78
CA LEU A 62 11.77 -21.06 -34.19
C LEU A 62 11.65 -20.05 -33.05
N LEU A 63 11.41 -20.56 -31.85
CA LEU A 63 11.26 -19.72 -30.67
C LEU A 63 12.54 -18.89 -30.50
N ASN A 64 13.68 -19.54 -30.72
CA ASN A 64 14.98 -18.90 -30.58
C ASN A 64 15.14 -17.77 -31.61
N LEU A 65 14.73 -18.04 -32.84
CA LEU A 65 14.82 -17.07 -33.92
C LEU A 65 13.93 -15.87 -33.63
N ALA A 66 12.72 -16.13 -33.15
CA ALA A 66 11.78 -15.06 -32.84
C ALA A 66 12.32 -14.17 -31.72
N LEU A 67 12.83 -14.80 -30.66
CA LEU A 67 13.39 -14.04 -29.54
C LEU A 67 14.57 -13.23 -30.07
N LYS A 68 15.43 -13.88 -30.85
CA LYS A 68 16.59 -13.24 -31.43
C LYS A 68 16.16 -12.00 -32.20
N ASN A 69 15.25 -12.16 -33.14
CA ASN A 69 14.77 -11.03 -33.93
C ASN A 69 14.17 -9.93 -33.05
N ALA A 70 13.68 -10.32 -31.88
CA ALA A 70 13.06 -9.37 -30.95
C ALA A 70 14.10 -8.58 -30.17
N GLU A 71 15.37 -8.97 -30.33
CA GLU A 71 16.49 -8.31 -29.66
C GLU A 71 16.65 -8.64 -28.17
N TYR A 72 16.21 -9.83 -27.77
CA TYR A 72 16.34 -10.24 -26.38
C TYR A 72 17.69 -10.93 -26.21
N GLU A 73 18.22 -10.95 -24.99
CA GLU A 73 19.51 -11.57 -24.73
C GLU A 73 19.58 -12.44 -23.48
N GLY A 74 20.43 -13.47 -23.54
CA GLY A 74 20.62 -14.36 -22.42
C GLY A 74 19.48 -15.34 -22.18
N TYR A 75 18.71 -15.63 -23.22
CA TYR A 75 17.58 -16.54 -23.09
C TYR A 75 17.93 -17.99 -23.42
N GLU A 76 19.05 -18.20 -24.09
CA GLU A 76 19.49 -19.53 -24.50
C GLU A 76 19.37 -20.57 -23.39
N GLU A 77 19.65 -20.15 -22.16
CA GLU A 77 19.58 -21.04 -21.00
C GLU A 77 18.18 -21.62 -20.78
N PHE A 78 17.16 -20.82 -21.08
CA PHE A 78 15.77 -21.22 -20.91
C PHE A 78 15.31 -22.13 -22.04
N LEU A 79 16.12 -22.26 -23.09
CA LEU A 79 15.74 -23.08 -24.24
C LEU A 79 16.41 -24.44 -24.37
N LYS A 80 16.91 -24.99 -23.26
CA LYS A 80 17.55 -26.30 -23.30
C LYS A 80 16.48 -27.38 -23.24
N GLY A 81 16.14 -27.94 -24.41
CA GLY A 81 15.11 -28.96 -24.47
C GLY A 81 13.78 -28.34 -24.88
N PRO A 82 12.81 -29.16 -25.33
CA PRO A 82 11.50 -28.65 -25.74
C PRO A 82 10.88 -27.74 -24.67
N THR A 83 10.63 -26.49 -25.06
CA THR A 83 10.11 -25.49 -24.14
C THR A 83 8.85 -24.78 -24.63
N ALA A 84 7.85 -24.68 -23.76
CA ALA A 84 6.62 -23.98 -24.12
C ALA A 84 6.77 -22.54 -23.64
N VAL A 85 6.00 -21.63 -24.21
CA VAL A 85 6.11 -20.24 -23.80
C VAL A 85 4.78 -19.62 -23.38
N LEU A 86 4.82 -18.90 -22.27
CA LEU A 86 3.67 -18.20 -21.75
C LEU A 86 3.94 -16.73 -21.95
N TYR A 87 3.01 -16.02 -22.57
CA TYR A 87 3.21 -14.60 -22.76
C TYR A 87 1.94 -13.76 -22.64
N VAL A 88 2.12 -12.49 -22.32
CA VAL A 88 1.02 -11.55 -22.17
C VAL A 88 1.20 -10.39 -23.12
N THR A 89 0.15 -10.03 -23.86
CA THR A 89 0.20 -8.91 -24.79
C THR A 89 -0.76 -7.82 -24.31
N GLU A 90 -1.74 -8.18 -23.51
CA GLU A 90 -2.67 -7.20 -22.98
C GLU A 90 -3.05 -7.48 -21.54
N GLY A 91 -2.99 -6.44 -20.71
CA GLY A 91 -3.36 -6.59 -19.32
C GLY A 91 -2.21 -6.74 -18.34
N ASP A 92 -2.57 -7.07 -17.10
CA ASP A 92 -1.63 -7.27 -16.01
C ASP A 92 -0.65 -8.38 -16.41
N PRO A 93 0.66 -8.15 -16.25
CA PRO A 93 1.57 -9.23 -16.63
C PRO A 93 1.78 -10.27 -15.52
N VAL A 94 1.68 -9.85 -14.27
CA VAL A 94 1.90 -10.76 -13.13
C VAL A 94 0.86 -11.88 -12.93
N GLU A 95 -0.42 -11.60 -13.17
CA GLU A 95 -1.45 -12.63 -12.97
C GLU A 95 -1.18 -13.92 -13.76
N ALA A 96 -0.72 -13.80 -15.00
CA ALA A 96 -0.43 -14.99 -15.79
C ALA A 96 0.58 -15.88 -15.08
N VAL A 97 1.58 -15.27 -14.42
CA VAL A 97 2.59 -16.05 -13.70
C VAL A 97 1.96 -16.78 -12.52
N LYS A 98 1.06 -16.09 -11.80
CA LYS A 98 0.38 -16.71 -10.65
C LYS A 98 -0.45 -17.89 -11.14
N ILE A 99 -1.11 -17.73 -12.29
CA ILE A 99 -1.93 -18.80 -12.85
C ILE A 99 -1.13 -20.06 -13.17
N ILE A 100 -0.04 -19.93 -13.94
CA ILE A 100 0.72 -21.11 -14.26
C ILE A 100 1.40 -21.68 -13.02
N TYR A 101 1.77 -20.80 -12.08
CA TYR A 101 2.43 -21.26 -10.86
C TYR A 101 1.51 -22.20 -10.09
N ASN A 102 0.30 -21.74 -9.78
CA ASN A 102 -0.57 -22.60 -9.03
C ASN A 102 -1.06 -23.78 -9.89
N PHE A 103 -0.96 -23.67 -11.22
CA PHE A 103 -1.37 -24.79 -12.07
C PHE A 103 -0.35 -25.91 -11.88
N TYR A 104 0.94 -25.59 -11.96
CA TYR A 104 1.98 -26.60 -11.77
C TYR A 104 1.82 -27.21 -10.39
N LYS A 105 1.50 -26.38 -9.40
CA LYS A 105 1.28 -26.85 -8.04
C LYS A 105 0.07 -27.79 -8.01
N ASP A 106 -1.01 -27.42 -8.68
CA ASP A 106 -2.21 -28.27 -8.72
C ASP A 106 -1.85 -29.63 -9.32
N LYS A 107 -0.93 -29.61 -10.28
CA LYS A 107 -0.48 -30.83 -10.96
C LYS A 107 0.65 -31.58 -10.24
N LYS A 108 1.03 -31.11 -9.06
CA LYS A 108 2.11 -31.73 -8.28
C LYS A 108 3.37 -31.79 -9.15
N ALA A 109 3.60 -30.76 -9.93
CA ALA A 109 4.77 -30.72 -10.80
C ALA A 109 5.95 -29.97 -10.17
N ASP A 110 7.14 -30.29 -10.66
CA ASP A 110 8.38 -29.68 -10.20
C ASP A 110 8.37 -28.22 -10.64
N LEU A 111 8.23 -27.30 -9.69
CA LEU A 111 8.18 -25.87 -10.02
C LEU A 111 9.45 -25.37 -10.71
N SER A 112 10.52 -26.14 -10.63
CA SER A 112 11.76 -25.74 -11.29
C SER A 112 11.51 -25.78 -12.79
N ARG A 113 10.44 -26.45 -13.19
CA ARG A 113 10.06 -26.54 -14.60
C ARG A 113 9.73 -25.16 -15.17
N LEU A 114 9.41 -24.22 -14.28
CA LEU A 114 9.14 -22.85 -14.70
C LEU A 114 10.54 -22.25 -14.64
N LYS A 115 11.19 -22.29 -15.79
CA LYS A 115 12.59 -21.88 -15.95
C LYS A 115 12.97 -20.41 -15.82
N GLY A 116 12.07 -19.50 -16.20
CA GLY A 116 12.38 -18.10 -16.12
C GLY A 116 11.81 -17.35 -17.31
N GLY A 117 12.31 -16.15 -17.56
CA GLY A 117 11.80 -15.37 -18.67
C GLY A 117 12.07 -13.89 -18.50
N PHE A 118 11.20 -13.06 -19.07
CA PHE A 118 11.34 -11.63 -18.98
C PHE A 118 10.04 -10.97 -18.55
N LEU A 119 10.13 -10.14 -17.53
CA LEU A 119 8.99 -9.42 -16.99
C LEU A 119 9.13 -7.97 -17.43
N GLU A 120 8.33 -7.57 -18.41
CA GLU A 120 8.40 -6.22 -18.94
C GLU A 120 9.85 -5.91 -19.29
N GLY A 121 10.49 -6.87 -19.96
CA GLY A 121 11.87 -6.70 -20.37
C GLY A 121 12.94 -7.22 -19.42
N LYS A 122 12.66 -7.25 -18.13
CA LYS A 122 13.62 -7.70 -17.13
C LYS A 122 13.71 -9.22 -16.98
N LYS A 123 14.90 -9.75 -17.25
CA LYS A 123 15.13 -11.18 -17.15
C LYS A 123 15.00 -11.67 -15.71
N PHE A 124 14.36 -12.80 -15.51
CA PHE A 124 14.22 -13.39 -14.19
C PHE A 124 14.51 -14.88 -14.30
N THR A 125 14.99 -15.48 -13.22
CA THR A 125 15.34 -16.89 -13.23
C THR A 125 14.27 -17.77 -12.63
N ALA A 126 14.49 -19.08 -12.68
CA ALA A 126 13.54 -20.04 -12.15
C ALA A 126 13.16 -19.72 -10.71
N GLU A 127 14.16 -19.40 -9.89
CA GLU A 127 13.92 -19.09 -8.48
C GLU A 127 13.02 -17.87 -8.26
N GLU A 128 13.20 -16.84 -9.08
CA GLU A 128 12.41 -15.61 -8.94
C GLU A 128 10.94 -15.73 -9.34
N VAL A 129 10.58 -16.86 -9.95
CA VAL A 129 9.20 -17.09 -10.36
C VAL A 129 8.30 -16.97 -9.13
N GLU A 130 8.73 -17.59 -8.04
CA GLU A 130 7.97 -17.55 -6.81
C GLU A 130 7.82 -16.11 -6.30
N ASN A 131 8.86 -15.30 -6.43
CA ASN A 131 8.79 -13.90 -6.00
C ASN A 131 7.77 -13.13 -6.83
N ILE A 132 7.74 -13.42 -8.13
CA ILE A 132 6.81 -12.75 -9.03
C ILE A 132 5.38 -13.18 -8.71
N ALA A 133 5.19 -14.47 -8.43
CA ALA A 133 3.86 -14.98 -8.08
C ALA A 133 3.36 -14.35 -6.77
N LYS A 134 4.27 -13.79 -5.97
CA LYS A 134 3.91 -13.14 -4.70
C LYS A 134 3.73 -11.62 -4.82
N LEU A 135 4.00 -11.09 -6.00
CA LEU A 135 3.85 -9.66 -6.24
C LEU A 135 2.37 -9.32 -6.36
N PRO A 136 1.96 -8.12 -5.92
CA PRO A 136 0.54 -7.81 -6.07
C PRO A 136 0.38 -7.40 -7.55
N SER A 137 -0.85 -7.37 -8.05
CA SER A 137 -1.08 -6.97 -9.44
C SER A 137 -0.55 -5.54 -9.59
N LYS A 138 -0.39 -5.09 -10.82
CA LYS A 138 0.10 -3.73 -11.04
C LYS A 138 -0.94 -2.73 -10.54
N GLU A 139 -2.21 -3.07 -10.70
CA GLU A 139 -3.26 -2.19 -10.22
C GLU A 139 -3.16 -2.06 -8.70
N GLU A 140 -2.95 -3.17 -8.01
CA GLU A 140 -2.83 -3.12 -6.56
C GLU A 140 -1.57 -2.36 -6.16
N LEU A 141 -0.51 -2.49 -6.95
CA LEU A 141 0.73 -1.78 -6.64
C LEU A 141 0.50 -0.27 -6.64
N TYR A 142 -0.33 0.19 -7.56
CA TYR A 142 -0.66 1.61 -7.67
C TYR A 142 -1.47 2.05 -6.45
N ALA A 143 -2.39 1.20 -6.01
CA ALA A 143 -3.18 1.53 -4.82
C ALA A 143 -2.22 1.62 -3.63
N MET A 144 -1.33 0.64 -3.53
CA MET A 144 -0.35 0.61 -2.44
C MET A 144 0.55 1.85 -2.44
N LEU A 145 0.99 2.25 -3.63
CA LEU A 145 1.85 3.43 -3.77
C LEU A 145 1.13 4.66 -3.21
N VAL A 146 -0.13 4.83 -3.58
CA VAL A 146 -0.94 5.94 -3.10
C VAL A 146 -1.01 5.96 -1.57
N GLY A 147 -1.11 4.78 -0.97
CA GLY A 147 -1.18 4.70 0.48
C GLY A 147 0.16 4.99 1.14
N ARG A 148 1.25 4.54 0.50
CA ARG A 148 2.59 4.77 1.01
C ARG A 148 2.94 6.26 0.99
N VAL A 149 2.58 6.92 -0.11
CA VAL A 149 2.85 8.33 -0.28
C VAL A 149 2.02 9.13 0.73
N LYS A 150 0.79 8.68 0.95
CA LYS A 150 -0.11 9.35 1.88
C LYS A 150 0.10 9.02 3.36
N ALA A 151 0.84 7.93 3.64
CA ALA A 151 1.07 7.48 5.03
C ALA A 151 1.36 8.56 6.09
N PRO A 152 2.23 9.54 5.79
CA PRO A 152 2.50 10.59 6.80
C PRO A 152 1.21 11.32 7.20
N ILE A 153 0.42 11.70 6.21
CA ILE A 153 -0.84 12.40 6.46
C ILE A 153 -1.82 11.48 7.21
N THR A 154 -1.94 10.24 6.74
CA THR A 154 -2.85 9.30 7.39
C THR A 154 -2.38 9.04 8.82
N GLY A 155 -1.07 8.90 9.00
CA GLY A 155 -0.51 8.67 10.31
C GLY A 155 -0.77 9.84 11.26
N LEU A 156 -0.73 11.05 10.71
CA LEU A 156 -0.98 12.26 11.50
C LEU A 156 -2.42 12.27 12.01
N VAL A 157 -3.37 12.05 11.11
CA VAL A 157 -4.78 12.04 11.50
C VAL A 157 -5.07 10.98 12.57
N PHE A 158 -4.67 9.73 12.30
CA PHE A 158 -4.90 8.64 13.23
C PHE A 158 -4.20 8.85 14.58
N ALA A 159 -3.00 9.42 14.56
CA ALA A 159 -2.29 9.65 15.81
C ALA A 159 -3.08 10.61 16.68
N LEU A 160 -3.65 11.64 16.05
CA LEU A 160 -4.41 12.63 16.79
C LEU A 160 -5.78 12.14 17.26
N SER A 161 -6.53 11.50 16.37
CA SER A 161 -7.85 11.00 16.76
C SER A 161 -7.72 9.79 17.69
N GLY A 162 -6.52 9.22 17.75
CA GLY A 162 -6.27 8.08 18.61
C GLY A 162 -6.35 8.43 20.08
N ILE A 163 -6.04 9.68 20.40
CA ILE A 163 -6.08 10.14 21.78
C ILE A 163 -7.50 10.00 22.34
N LEU A 164 -8.49 10.31 21.50
CA LEU A 164 -9.90 10.20 21.90
C LEU A 164 -10.41 8.78 21.75
N ARG A 165 -9.86 8.03 20.79
CA ARG A 165 -10.29 6.65 20.59
C ARG A 165 -9.85 5.78 21.76
N ASN A 166 -8.70 6.12 22.35
CA ASN A 166 -8.17 5.38 23.49
C ASN A 166 -9.07 5.60 24.71
N LEU A 167 -9.77 6.73 24.73
CA LEU A 167 -10.66 7.04 25.84
C LEU A 167 -11.89 6.13 25.70
N VAL A 168 -12.49 6.13 24.51
CA VAL A 168 -13.64 5.29 24.26
C VAL A 168 -13.27 3.82 24.48
N TYR A 169 -12.09 3.44 24.02
CA TYR A 169 -11.60 2.07 24.15
C TYR A 169 -11.54 1.62 25.62
N VAL A 170 -10.79 2.33 26.45
CA VAL A 170 -10.69 1.93 27.85
C VAL A 170 -12.05 1.96 28.55
N LEU A 171 -12.91 2.90 28.17
CA LEU A 171 -14.24 3.00 28.79
C LEU A 171 -15.06 1.75 28.49
N ASN A 172 -15.00 1.27 27.26
CA ASN A 172 -15.73 0.06 26.89
C ASN A 172 -15.11 -1.14 27.60
N ALA A 173 -13.81 -1.06 27.89
CA ALA A 173 -13.11 -2.13 28.56
C ALA A 173 -13.62 -2.22 30.00
N ILE A 174 -13.87 -1.05 30.60
CA ILE A 174 -14.37 -1.00 31.96
C ILE A 174 -15.79 -1.58 31.99
N LYS A 175 -16.60 -1.19 31.00
CA LYS A 175 -17.95 -1.69 30.90
C LYS A 175 -17.91 -3.21 30.71
N GLU A 176 -17.02 -3.65 29.84
CA GLU A 176 -16.85 -5.07 29.53
C GLU A 176 -16.59 -5.87 30.81
N LYS A 177 -15.76 -5.32 31.68
CA LYS A 177 -15.42 -5.96 32.96
C LYS A 177 -16.65 -6.18 33.84
N LYS A 178 -17.73 -5.46 33.56
CA LYS A 178 -18.95 -5.59 34.34
C LYS A 178 -20.11 -6.10 33.49
N MET B 1 14.55 10.49 -13.37
CA MET B 1 14.69 10.29 -11.90
C MET B 1 14.77 8.83 -11.54
N THR B 2 15.81 8.44 -10.81
CA THR B 2 15.90 7.05 -10.38
C THR B 2 14.87 6.94 -9.25
N ILE B 3 14.67 5.72 -8.73
CA ILE B 3 13.72 5.51 -7.65
C ILE B 3 14.13 6.25 -6.38
N ASP B 4 15.41 6.15 -6.03
CA ASP B 4 15.92 6.82 -4.84
C ASP B 4 15.73 8.31 -4.99
N GLU B 5 15.79 8.78 -6.24
CA GLU B 5 15.61 10.19 -6.54
C GLU B 5 14.16 10.61 -6.37
N ILE B 6 13.24 9.75 -6.82
CA ILE B 6 11.81 10.02 -6.70
C ILE B 6 11.47 10.18 -5.23
N ILE B 7 12.00 9.26 -4.41
CA ILE B 7 11.77 9.31 -2.98
C ILE B 7 12.40 10.55 -2.35
N GLU B 8 13.57 10.94 -2.84
CA GLU B 8 14.26 12.11 -2.33
C GLU B 8 13.41 13.36 -2.60
N ALA B 9 12.85 13.43 -3.81
CA ALA B 9 12.02 14.57 -4.19
C ALA B 9 10.75 14.64 -3.33
N ILE B 10 10.15 13.48 -3.06
CA ILE B 10 8.93 13.45 -2.25
C ILE B 10 9.19 13.95 -0.82
N GLU B 11 10.34 13.60 -0.26
CA GLU B 11 10.68 14.04 1.10
C GLU B 11 10.85 15.54 1.21
N LYS B 12 11.11 16.20 0.07
CA LYS B 12 11.29 17.65 0.05
C LYS B 12 9.98 18.41 -0.08
N LEU B 13 8.93 17.72 -0.51
CA LEU B 13 7.63 18.37 -0.66
C LEU B 13 7.12 18.86 0.70
N THR B 14 6.33 19.93 0.69
CA THR B 14 5.76 20.41 1.93
C THR B 14 4.55 19.49 2.10
N VAL B 15 3.86 19.59 3.22
CA VAL B 15 2.70 18.75 3.46
C VAL B 15 1.60 19.13 2.47
N SER B 16 1.44 20.43 2.21
CA SER B 16 0.43 20.89 1.24
C SER B 16 0.71 20.25 -0.12
N GLU B 17 1.98 20.28 -0.52
CA GLU B 17 2.40 19.71 -1.79
C GLU B 17 2.19 18.20 -1.80
N LEU B 18 2.46 17.54 -0.68
CA LEU B 18 2.29 16.09 -0.62
C LEU B 18 0.83 15.71 -0.87
N ALA B 19 -0.07 16.47 -0.26
CA ALA B 19 -1.52 16.24 -0.39
C ALA B 19 -1.97 16.38 -1.84
N GLU B 20 -1.38 17.32 -2.56
CA GLU B 20 -1.73 17.53 -3.97
C GLU B 20 -1.19 16.35 -4.78
N LEU B 21 0.00 15.87 -4.44
CA LEU B 21 0.62 14.74 -5.13
C LEU B 21 -0.29 13.51 -5.00
N VAL B 22 -0.79 13.28 -3.78
CA VAL B 22 -1.66 12.14 -3.54
C VAL B 22 -2.93 12.25 -4.38
N LYS B 23 -3.54 13.43 -4.34
CA LYS B 23 -4.76 13.70 -5.09
C LYS B 23 -4.55 13.41 -6.58
N LYS B 24 -3.40 13.83 -7.10
CA LYS B 24 -3.09 13.60 -8.51
C LYS B 24 -2.81 12.13 -8.80
N LEU B 25 -2.06 11.48 -7.90
CA LEU B 25 -1.72 10.07 -8.08
C LEU B 25 -2.98 9.23 -8.18
N GLU B 26 -4.00 9.62 -7.43
CA GLU B 26 -5.26 8.91 -7.44
C GLU B 26 -5.94 9.07 -8.80
N ASP B 27 -5.93 10.30 -9.31
CA ASP B 27 -6.55 10.58 -10.60
C ASP B 27 -5.89 9.86 -11.77
N LYS B 28 -4.57 9.92 -11.84
CA LYS B 28 -3.84 9.28 -12.91
C LYS B 28 -3.87 7.76 -12.84
N PHE B 29 -4.07 7.22 -11.64
CA PHE B 29 -4.11 5.77 -11.46
C PHE B 29 -5.37 5.32 -10.73
N GLY B 30 -5.30 5.23 -9.40
CA GLY B 30 -6.46 4.82 -8.62
C GLY B 30 -6.11 4.13 -7.30
N MET C 1 12.47 18.32 -7.58
CA MET C 1 11.48 18.08 -8.68
C MET C 1 10.06 18.41 -8.25
N THR C 2 9.30 19.00 -9.17
CA THR C 2 7.92 19.38 -8.92
C THR C 2 7.02 18.14 -8.82
N ILE C 3 5.79 18.37 -8.41
CA ILE C 3 4.81 17.30 -8.27
C ILE C 3 4.56 16.59 -9.60
N ASP C 4 4.33 17.37 -10.64
CA ASP C 4 4.07 16.84 -11.97
C ASP C 4 5.23 15.99 -12.52
N GLU C 5 6.45 16.37 -12.16
CA GLU C 5 7.63 15.65 -12.61
C GLU C 5 7.82 14.36 -11.83
N ILE C 6 7.36 14.33 -10.58
CA ILE C 6 7.46 13.12 -9.76
C ILE C 6 6.51 12.09 -10.37
N ILE C 7 5.31 12.56 -10.71
CA ILE C 7 4.29 11.72 -11.30
C ILE C 7 4.73 11.15 -12.65
N GLU C 8 5.37 11.99 -13.46
CA GLU C 8 5.83 11.56 -14.77
C GLU C 8 6.87 10.44 -14.64
N ALA C 9 7.76 10.57 -13.65
CA ALA C 9 8.77 9.54 -13.42
C ALA C 9 8.10 8.25 -12.98
N ILE C 10 7.09 8.38 -12.12
CA ILE C 10 6.36 7.20 -11.61
C ILE C 10 5.62 6.46 -12.71
N GLU C 11 4.99 7.18 -13.64
CA GLU C 11 4.26 6.54 -14.71
C GLU C 11 5.16 5.74 -15.65
N LYS C 12 6.46 6.03 -15.60
CA LYS C 12 7.44 5.33 -16.43
C LYS C 12 7.94 4.04 -15.80
N LEU C 13 7.60 3.79 -14.53
CA LEU C 13 8.10 2.61 -13.83
C LEU C 13 7.46 1.29 -14.27
N THR C 14 8.29 0.25 -14.39
CA THR C 14 7.78 -1.08 -14.73
C THR C 14 7.19 -1.65 -13.44
N VAL C 15 6.49 -2.78 -13.54
CA VAL C 15 5.90 -3.40 -12.37
C VAL C 15 6.98 -3.68 -11.32
N SER C 16 8.13 -4.13 -11.81
CA SER C 16 9.27 -4.44 -10.93
C SER C 16 9.77 -3.19 -10.19
N GLU C 17 9.95 -2.10 -10.92
CA GLU C 17 10.42 -0.85 -10.34
C GLU C 17 9.38 -0.27 -9.37
N LEU C 18 8.11 -0.40 -9.74
CA LEU C 18 7.02 0.08 -8.92
C LEU C 18 7.03 -0.63 -7.56
N ALA C 19 7.33 -1.93 -7.58
CA ALA C 19 7.39 -2.74 -6.37
C ALA C 19 8.52 -2.26 -5.46
N GLU C 20 9.64 -1.88 -6.07
CA GLU C 20 10.80 -1.38 -5.35
C GLU C 20 10.50 -0.02 -4.70
N LEU C 21 9.82 0.85 -5.45
CA LEU C 21 9.43 2.17 -4.96
C LEU C 21 8.47 2.02 -3.78
N VAL C 22 7.51 1.12 -3.92
CA VAL C 22 6.54 0.89 -2.84
C VAL C 22 7.25 0.36 -1.59
N LYS C 23 8.17 -0.59 -1.76
CA LYS C 23 8.89 -1.16 -0.63
C LYS C 23 9.79 -0.14 0.05
N LYS C 24 10.48 0.67 -0.75
CA LYS C 24 11.37 1.68 -0.19
C LYS C 24 10.60 2.77 0.56
N LEU C 25 9.47 3.19 0.01
CA LEU C 25 8.64 4.22 0.64
C LEU C 25 8.13 3.69 1.98
N GLU C 26 7.88 2.38 1.99
CA GLU C 26 7.39 1.69 3.17
C GLU C 26 8.40 1.80 4.31
N ASP C 27 9.66 1.51 4.03
CA ASP C 27 10.68 1.60 5.06
C ASP C 27 10.89 3.03 5.56
N LYS C 28 10.84 4.00 4.65
CA LYS C 28 11.07 5.39 5.02
C LYS C 28 10.02 6.03 5.91
N PHE C 29 8.77 6.01 5.48
CA PHE C 29 7.69 6.62 6.24
C PHE C 29 7.07 5.66 7.26
N GLY C 30 7.93 4.95 7.98
CA GLY C 30 7.47 4.01 8.98
C GLY C 30 7.52 2.58 8.49
N MET D 1 6.59 27.49 12.99
CA MET D 1 6.57 26.60 14.19
C MET D 1 7.34 25.32 13.93
N THR D 2 8.23 24.96 14.86
CA THR D 2 9.01 23.74 14.73
C THR D 2 8.11 22.54 15.07
N ILE D 3 8.63 21.34 14.89
CA ILE D 3 7.88 20.13 15.19
C ILE D 3 7.53 20.06 16.68
N ASP D 4 8.52 20.31 17.52
CA ASP D 4 8.28 20.27 18.96
C ASP D 4 7.34 21.39 19.42
N GLU D 5 7.35 22.52 18.73
CA GLU D 5 6.48 23.63 19.10
C GLU D 5 5.06 23.28 18.71
N ILE D 6 4.91 22.55 17.60
CA ILE D 6 3.60 22.13 17.14
C ILE D 6 3.00 21.18 18.17
N ILE D 7 3.82 20.27 18.68
CA ILE D 7 3.37 19.30 19.68
C ILE D 7 2.96 20.00 20.98
N GLU D 8 3.74 20.98 21.41
CA GLU D 8 3.45 21.74 22.62
C GLU D 8 2.16 22.53 22.46
N ALA D 9 1.90 22.99 21.23
CA ALA D 9 0.69 23.76 20.94
C ALA D 9 -0.53 22.82 20.98
N ILE D 10 -0.33 21.59 20.52
CA ILE D 10 -1.38 20.58 20.51
C ILE D 10 -1.72 20.15 21.94
N GLU D 11 -0.70 19.98 22.78
CA GLU D 11 -0.90 19.57 24.17
C GLU D 11 -1.76 20.56 24.95
N LYS D 12 -1.69 21.83 24.58
CA LYS D 12 -2.45 22.88 25.28
C LYS D 12 -3.87 23.11 24.76
N LEU D 13 -4.25 22.37 23.72
CA LEU D 13 -5.59 22.48 23.17
C LEU D 13 -6.56 21.77 24.10
N THR D 14 -7.83 22.18 24.07
CA THR D 14 -8.86 21.55 24.88
C THR D 14 -9.29 20.32 24.08
N VAL D 15 -9.99 19.40 24.72
CA VAL D 15 -10.44 18.19 24.03
C VAL D 15 -11.37 18.54 22.88
N SER D 16 -12.22 19.55 23.06
CA SER D 16 -13.14 19.94 22.00
C SER D 16 -12.35 20.57 20.84
N GLU D 17 -11.23 21.23 21.14
CA GLU D 17 -10.41 21.83 20.10
C GLU D 17 -9.67 20.73 19.34
N LEU D 18 -9.32 19.65 20.03
CA LEU D 18 -8.61 18.52 19.43
C LEU D 18 -9.55 17.85 18.42
N ALA D 19 -10.79 17.61 18.86
CA ALA D 19 -11.79 16.97 18.03
C ALA D 19 -12.00 17.76 16.74
N GLU D 20 -11.97 19.09 16.84
CA GLU D 20 -12.17 19.92 15.66
C GLU D 20 -10.91 19.91 14.78
N LEU D 21 -9.75 19.89 15.40
CA LEU D 21 -8.49 19.87 14.67
C LEU D 21 -8.44 18.63 13.80
N VAL D 22 -8.83 17.50 14.37
CA VAL D 22 -8.84 16.23 13.65
C VAL D 22 -9.83 16.30 12.48
N LYS D 23 -11.01 16.85 12.74
CA LYS D 23 -12.02 16.98 11.72
C LYS D 23 -11.51 17.86 10.57
N LYS D 24 -10.89 18.98 10.93
CA LYS D 24 -10.35 19.91 9.94
C LYS D 24 -9.23 19.32 9.11
N LEU D 25 -8.30 18.62 9.76
CA LEU D 25 -7.17 18.01 9.08
C LEU D 25 -7.61 16.97 8.05
N GLU D 26 -8.64 16.21 8.37
CA GLU D 26 -9.16 15.20 7.47
C GLU D 26 -9.61 15.85 6.17
N ASP D 27 -10.07 17.10 6.27
CA ASP D 27 -10.53 17.81 5.08
C ASP D 27 -9.38 18.46 4.31
N LYS D 28 -8.67 19.38 4.92
CA LYS D 28 -7.58 20.05 4.24
C LYS D 28 -6.57 19.08 3.62
N PHE D 29 -6.24 18.03 4.34
CA PHE D 29 -5.29 17.04 3.82
C PHE D 29 -6.01 15.78 3.37
N GLY D 30 -7.32 15.92 3.14
CA GLY D 30 -8.15 14.82 2.69
C GLY D 30 -7.74 13.46 3.20
N MET E 1 -1.25 27.53 18.60
CA MET E 1 -2.21 27.98 19.65
C MET E 1 -3.62 27.67 19.18
N THR E 2 -4.01 28.30 18.07
CA THR E 2 -5.32 28.08 17.47
C THR E 2 -5.26 26.90 16.51
N ILE E 3 -6.37 26.19 16.39
CA ILE E 3 -6.47 25.04 15.49
C ILE E 3 -5.96 25.44 14.10
N ASP E 4 -6.42 26.59 13.64
CA ASP E 4 -6.06 27.12 12.34
C ASP E 4 -4.57 27.45 12.24
N GLU E 5 -3.99 27.93 13.34
CA GLU E 5 -2.57 28.26 13.35
C GLU E 5 -1.75 26.98 13.38
N ILE E 6 -2.31 25.93 13.97
CA ILE E 6 -1.59 24.67 14.03
C ILE E 6 -1.62 23.99 12.67
N ILE E 7 -2.79 23.98 12.05
CA ILE E 7 -2.94 23.37 10.73
C ILE E 7 -2.02 24.08 9.75
N GLU E 8 -2.01 25.40 9.83
CA GLU E 8 -1.20 26.24 8.96
C GLU E 8 0.29 25.91 9.08
N ALA E 9 0.73 25.65 10.31
CA ALA E 9 2.13 25.31 10.58
C ALA E 9 2.48 23.91 10.04
N ILE E 10 1.53 22.98 10.13
CA ILE E 10 1.77 21.63 9.64
C ILE E 10 1.92 21.66 8.12
N GLU E 11 1.07 22.44 7.45
CA GLU E 11 1.12 22.57 5.99
C GLU E 11 2.50 22.96 5.49
N LYS E 12 3.24 23.72 6.31
CA LYS E 12 4.57 24.19 5.94
C LYS E 12 5.72 23.25 6.28
N LEU E 13 5.44 22.14 6.95
CA LEU E 13 6.49 21.19 7.26
C LEU E 13 6.77 20.42 5.97
N THR E 14 7.94 19.81 5.88
CA THR E 14 8.26 19.02 4.70
C THR E 14 7.78 17.62 5.06
N VAL E 15 7.70 16.74 4.08
CA VAL E 15 7.25 15.37 4.33
C VAL E 15 8.15 14.71 5.37
N SER E 16 9.46 14.88 5.25
CA SER E 16 10.38 14.30 6.21
C SER E 16 10.04 14.79 7.63
N GLU E 17 9.76 16.08 7.76
CA GLU E 17 9.43 16.66 9.05
C GLU E 17 8.11 16.11 9.60
N LEU E 18 7.12 15.95 8.73
CA LEU E 18 5.83 15.41 9.15
C LEU E 18 6.00 13.97 9.64
N ALA E 19 6.90 13.22 9.02
CA ALA E 19 7.14 11.83 9.42
C ALA E 19 7.69 11.80 10.84
N GLU E 20 8.55 12.76 11.18
CA GLU E 20 9.13 12.83 12.51
C GLU E 20 8.06 13.23 13.53
N LEU E 21 7.25 14.23 13.17
CA LEU E 21 6.17 14.70 14.03
C LEU E 21 5.23 13.55 14.40
N VAL E 22 4.85 12.77 13.39
CA VAL E 22 3.97 11.62 13.58
C VAL E 22 4.59 10.62 14.55
N LYS E 23 5.87 10.34 14.34
CA LYS E 23 6.60 9.41 15.19
C LYS E 23 6.53 9.89 16.64
N LYS E 24 6.72 11.20 16.85
CA LYS E 24 6.67 11.77 18.19
C LYS E 24 5.28 11.69 18.80
N LEU E 25 4.26 12.00 18.01
CA LEU E 25 2.91 11.93 18.53
C LEU E 25 2.59 10.50 18.94
N GLU E 26 2.91 9.55 18.06
CA GLU E 26 2.68 8.14 18.34
C GLU E 26 3.36 7.71 19.63
N ASP E 27 4.64 8.05 19.77
CA ASP E 27 5.40 7.70 20.96
C ASP E 27 4.90 8.43 22.20
N LYS E 28 4.35 9.62 22.01
CA LYS E 28 3.84 10.39 23.13
C LYS E 28 2.43 9.97 23.54
N PHE E 29 1.53 9.85 22.58
CA PHE E 29 0.16 9.45 22.91
C PHE E 29 -0.17 8.06 22.39
N MET F 1 -14.52 19.96 38.35
CA MET F 1 -14.11 18.53 38.30
C MET F 1 -12.67 18.36 37.82
N THR F 2 -11.80 17.89 38.71
CA THR F 2 -10.41 17.65 38.35
C THR F 2 -10.40 16.29 37.66
N ILE F 3 -9.23 15.78 37.31
CA ILE F 3 -9.15 14.48 36.66
C ILE F 3 -9.59 13.35 37.58
N ASP F 4 -9.18 13.42 38.85
CA ASP F 4 -9.55 12.39 39.81
C ASP F 4 -11.06 12.35 40.04
N GLU F 5 -11.67 13.52 40.16
CA GLU F 5 -13.11 13.61 40.36
C GLU F 5 -13.83 12.99 39.17
N ILE F 6 -13.34 13.30 37.97
CA ILE F 6 -13.92 12.77 36.74
C ILE F 6 -13.87 11.24 36.78
N ILE F 7 -12.73 10.71 37.23
CA ILE F 7 -12.54 9.27 37.32
C ILE F 7 -13.51 8.65 38.31
N GLU F 8 -13.70 9.31 39.45
CA GLU F 8 -14.62 8.81 40.48
C GLU F 8 -16.05 8.71 39.96
N ALA F 9 -16.49 9.71 39.20
CA ALA F 9 -17.84 9.73 38.65
C ALA F 9 -18.01 8.61 37.63
N ILE F 10 -16.94 8.27 36.93
CA ILE F 10 -16.99 7.21 35.92
C ILE F 10 -16.98 5.83 36.59
N GLU F 11 -16.20 5.70 37.65
CA GLU F 11 -16.12 4.44 38.39
C GLU F 11 -17.47 4.05 38.98
N LYS F 12 -18.30 5.06 39.22
CA LYS F 12 -19.62 4.86 39.80
C LYS F 12 -20.71 4.58 38.77
N LEU F 13 -20.38 4.73 37.48
CA LEU F 13 -21.34 4.51 36.42
C LEU F 13 -21.68 3.03 36.23
N THR F 14 -22.93 2.75 35.88
CA THR F 14 -23.38 1.38 35.65
C THR F 14 -23.09 1.00 34.19
N VAL F 15 -23.18 -0.30 33.91
CA VAL F 15 -22.94 -0.82 32.56
C VAL F 15 -23.68 -0.03 31.48
N SER F 16 -24.97 0.20 31.68
CA SER F 16 -25.77 0.95 30.72
C SER F 16 -25.32 2.40 30.68
N GLU F 17 -25.06 2.97 31.86
CA GLU F 17 -24.62 4.35 31.97
C GLU F 17 -23.33 4.56 31.18
N LEU F 18 -22.43 3.60 31.27
CA LEU F 18 -21.16 3.67 30.55
C LEU F 18 -21.44 3.65 29.05
N ALA F 19 -22.42 2.85 28.64
CA ALA F 19 -22.80 2.74 27.24
C ALA F 19 -23.29 4.11 26.75
N GLU F 20 -24.01 4.82 27.62
CA GLU F 20 -24.54 6.13 27.27
C GLU F 20 -23.40 7.15 27.17
N LEU F 21 -22.46 7.06 28.11
CA LEU F 21 -21.31 7.97 28.13
C LEU F 21 -20.53 7.82 26.83
N VAL F 22 -20.24 6.57 26.47
CA VAL F 22 -19.48 6.28 25.25
C VAL F 22 -20.27 6.78 24.05
N LYS F 23 -21.58 6.49 24.06
CA LYS F 23 -22.46 6.90 22.98
C LYS F 23 -22.39 8.41 22.78
N LYS F 24 -22.50 9.16 23.88
CA LYS F 24 -22.46 10.61 23.82
C LYS F 24 -21.10 11.19 23.44
N LEU F 25 -20.03 10.52 23.85
CA LEU F 25 -18.68 10.98 23.52
C LEU F 25 -18.47 10.85 22.02
N GLU F 26 -18.90 9.70 21.47
CA GLU F 26 -18.76 9.45 20.05
C GLU F 26 -19.44 10.55 19.25
N ASP F 27 -20.64 10.94 19.70
CA ASP F 27 -21.39 11.99 19.02
C ASP F 27 -20.75 13.36 19.20
N LYS F 28 -20.48 13.73 20.45
CA LYS F 28 -19.87 15.02 20.76
C LYS F 28 -18.69 15.27 19.84
N PHE F 29 -17.97 14.20 19.50
CA PHE F 29 -16.83 14.29 18.59
C PHE F 29 -16.41 12.92 18.08
N THR G 2 -23.08 13.59 37.18
CA THR G 2 -23.98 13.34 36.01
C THR G 2 -23.17 12.70 34.89
N ILE G 3 -23.79 12.56 33.73
CA ILE G 3 -23.12 12.00 32.57
C ILE G 3 -22.83 13.17 31.65
N ASP G 4 -23.83 14.05 31.51
CA ASP G 4 -23.68 15.24 30.69
C ASP G 4 -22.60 16.11 31.32
N GLU G 5 -22.53 16.04 32.65
CA GLU G 5 -21.54 16.81 33.40
C GLU G 5 -20.13 16.27 33.16
N ILE G 6 -19.99 14.95 33.20
CA ILE G 6 -18.72 14.29 32.98
C ILE G 6 -18.17 14.69 31.60
N ILE G 7 -19.06 14.71 30.61
CA ILE G 7 -18.71 15.07 29.26
C ILE G 7 -18.26 16.54 29.16
N GLU G 8 -18.99 17.43 29.83
CA GLU G 8 -18.62 18.83 29.79
C GLU G 8 -17.26 19.03 30.43
N ALA G 9 -16.98 18.29 31.49
CA ALA G 9 -15.69 18.37 32.17
C ALA G 9 -14.59 17.86 31.23
N ILE G 10 -14.84 16.76 30.54
CA ILE G 10 -13.87 16.20 29.62
C ILE G 10 -13.60 17.16 28.45
N GLU G 11 -14.63 17.90 28.06
CA GLU G 11 -14.50 18.87 26.97
C GLU G 11 -13.55 20.00 27.34
N LYS G 12 -13.51 20.32 28.64
CA LYS G 12 -12.67 21.40 29.14
C LYS G 12 -11.23 21.01 29.44
N LEU G 13 -10.96 19.71 29.54
CA LEU G 13 -9.60 19.26 29.81
C LEU G 13 -8.73 19.56 28.60
N THR G 14 -7.42 19.74 28.84
CA THR G 14 -6.49 19.98 27.75
C THR G 14 -6.15 18.59 27.23
N VAL G 15 -5.39 18.53 26.14
CA VAL G 15 -4.99 17.27 25.54
C VAL G 15 -4.11 16.49 26.52
N SER G 16 -3.22 17.20 27.21
CA SER G 16 -2.32 16.58 28.20
C SER G 16 -3.12 15.99 29.35
N GLU G 17 -4.09 16.75 29.84
CA GLU G 17 -4.95 16.29 30.94
C GLU G 17 -5.78 15.08 30.54
N LEU G 18 -6.11 14.99 29.25
CA LEU G 18 -6.90 13.87 28.71
C LEU G 18 -6.02 12.62 28.66
N ALA G 19 -4.79 12.78 28.19
CA ALA G 19 -3.86 11.66 28.10
C ALA G 19 -3.65 11.10 29.51
N GLU G 20 -3.54 12.00 30.48
CA GLU G 20 -3.36 11.60 31.88
C GLU G 20 -4.59 10.84 32.35
N LEU G 21 -5.77 11.39 32.07
CA LEU G 21 -7.02 10.75 32.45
C LEU G 21 -7.09 9.32 31.92
N VAL G 22 -6.75 9.16 30.64
CA VAL G 22 -6.79 7.85 30.01
C VAL G 22 -5.80 6.89 30.68
N LYS G 23 -4.57 7.35 30.89
CA LYS G 23 -3.55 6.52 31.53
C LYS G 23 -4.05 6.02 32.89
N LYS G 24 -4.59 6.92 33.70
CA LYS G 24 -5.10 6.55 35.02
C LYS G 24 -6.22 5.51 34.93
N LEU G 25 -7.12 5.68 33.97
CA LEU G 25 -8.22 4.73 33.81
C LEU G 25 -7.64 3.38 33.44
N GLU G 26 -6.63 3.40 32.58
CA GLU G 26 -5.97 2.17 32.14
C GLU G 26 -5.30 1.47 33.32
N ASP G 27 -4.75 2.27 34.23
CA ASP G 27 -4.05 1.78 35.41
C ASP G 27 -4.88 0.99 36.42
N LYS G 28 -6.17 1.28 36.52
CA LYS G 28 -7.01 0.58 37.50
C LYS G 28 -7.35 -0.86 37.15
N PHE G 29 -6.77 -1.38 36.08
CA PHE G 29 -7.01 -2.76 35.71
C PHE G 29 -5.99 -3.24 34.68
N GLY G 30 -5.18 -4.21 35.10
CA GLY G 30 -4.15 -4.75 34.24
C GLY G 30 -2.77 -4.33 34.69
#